data_2Z3K
#
_entry.id   2Z3K
#
_cell.length_a   115.106
_cell.length_b   129.846
_cell.length_c   38.691
_cell.angle_alpha   90.00
_cell.angle_beta   90.00
_cell.angle_gamma   90.00
#
_symmetry.space_group_name_H-M   'P 21 21 2'
#
loop_
_entity.id
_entity.type
_entity.pdbx_description
1 polymer 'Leucyl/phenylalanyl-tRNA-protein transferase'
2 non-polymer 2-(6-AMINO-OCTAHYDRO-PURIN-9-YL)-5-HYDROXYMETHYL-TETRAHYDRO-FURAN-3,4-DIOL
3 non-polymer PHENYLALANINE
4 non-polymer 'D(-)-TARTARIC ACID'
5 water water
#
_entity_poly.entity_id   1
_entity_poly.type   'polypeptide(L)'
_entity_poly.pdbx_seq_one_letter_code
;RLVQLSRHSIAFPSPEGALREPNGLLALGGDLSPARLLMAYQRGIFPWFSPGDPILWWSPDPRAVLWPESLHISRSMKRF
HKRSPYRVTMNYAFGQVIEGCASDREEGTWITRGVVEAYHRLHELGHAHSIEVWREDELVGGMYGVAQGTLFCGESMFSR
MENASKTALLVFCEEFIGHGGKLIDCQVLNDHTASLGACEIPRRDYLNYLNQMRLGRLPNNFWVPRCLFSPQE
;
_entity_poly.pdbx_strand_id   A,B
#
loop_
_chem_comp.id
_chem_comp.type
_chem_comp.name
_chem_comp.formula
TAR non-polymer 'D(-)-TARTARIC ACID' 'C4 H6 O6'
XYA non-polymer 2-(6-AMINO-OCTAHYDRO-PURIN-9-YL)-5-HYDROXYMETHYL-TETRAHYDRO-FURAN-3,4-DIOL 'C10 H13 N5 O4'
#
# COMPACT_ATOMS: atom_id res chain seq x y z
N ARG A 1 18.62 -29.04 -23.09
CA ARG A 1 17.17 -29.21 -23.37
C ARG A 1 16.33 -28.49 -22.32
N LEU A 2 17.00 -28.04 -21.26
CA LEU A 2 16.34 -27.29 -20.18
C LEU A 2 16.97 -25.89 -20.17
N VAL A 3 16.46 -25.04 -21.05
CA VAL A 3 16.93 -23.68 -21.23
C VAL A 3 17.42 -22.87 -20.02
N GLN A 4 18.50 -22.14 -20.25
CA GLN A 4 19.14 -21.28 -19.28
C GLN A 4 18.76 -19.86 -19.70
N LEU A 5 18.29 -19.04 -18.77
CA LEU A 5 17.90 -17.68 -19.11
C LEU A 5 19.11 -16.76 -19.21
N SER A 6 19.02 -15.77 -20.09
CA SER A 6 20.09 -14.82 -20.31
C SER A 6 19.70 -13.44 -19.81
N ARG A 7 20.64 -12.78 -19.12
CA ARG A 7 20.39 -11.44 -18.60
C ARG A 7 20.04 -10.47 -19.73
N HIS A 8 20.57 -10.75 -20.92
CA HIS A 8 20.34 -9.91 -22.09
C HIS A 8 18.86 -9.58 -22.30
N SER A 9 18.04 -10.61 -22.44
CA SER A 9 16.61 -10.38 -22.67
C SER A 9 15.71 -10.96 -21.58
N ILE A 10 14.43 -10.71 -21.75
CA ILE A 10 13.39 -11.15 -20.83
C ILE A 10 12.55 -12.22 -21.52
N ALA A 11 13.17 -13.00 -22.40
CA ALA A 11 12.46 -14.04 -23.14
C ALA A 11 12.39 -15.38 -22.44
N PHE A 12 11.22 -16.01 -22.50
CA PHE A 12 10.98 -17.32 -21.89
C PHE A 12 10.59 -18.37 -22.94
N PRO A 13 11.02 -19.62 -22.73
CA PRO A 13 10.74 -20.76 -23.63
C PRO A 13 9.30 -21.27 -23.46
N SER A 14 8.74 -21.90 -24.50
CA SER A 14 7.39 -22.42 -24.40
C SER A 14 7.23 -23.35 -23.22
N PRO A 15 6.21 -23.11 -22.38
CA PRO A 15 5.90 -23.91 -21.20
C PRO A 15 5.70 -25.39 -21.52
N GLU A 16 5.25 -25.64 -22.74
CA GLU A 16 4.96 -26.98 -23.20
C GLU A 16 6.20 -27.86 -23.22
N GLY A 17 7.36 -27.24 -23.14
CA GLY A 17 8.60 -28.00 -23.12
C GLY A 17 9.10 -28.23 -21.70
N ALA A 18 8.28 -27.88 -20.71
CA ALA A 18 8.66 -28.07 -19.32
C ALA A 18 8.84 -29.55 -19.04
N LEU A 19 9.50 -29.88 -17.94
CA LEU A 19 9.72 -31.27 -17.59
C LEU A 19 8.44 -31.91 -17.09
N ARG A 20 8.44 -33.24 -17.07
CA ARG A 20 7.28 -33.98 -16.62
C ARG A 20 7.49 -34.40 -15.16
N GLU A 21 8.74 -34.36 -14.71
CA GLU A 21 9.05 -34.77 -13.34
C GLU A 21 10.52 -34.55 -13.01
N PRO A 22 10.85 -33.55 -12.16
CA PRO A 22 10.00 -32.57 -11.46
C PRO A 22 9.00 -31.83 -12.33
N ASN A 23 7.72 -32.07 -12.06
CA ASN A 23 6.63 -31.48 -12.82
C ASN A 23 6.67 -29.97 -13.03
N GLY A 24 6.91 -29.55 -14.27
CA GLY A 24 6.92 -28.14 -14.58
C GLY A 24 8.26 -27.50 -14.71
N LEU A 25 9.31 -28.16 -14.22
CA LEU A 25 10.65 -27.59 -14.31
C LEU A 25 10.92 -27.17 -15.74
N LEU A 26 11.03 -25.87 -15.97
CA LEU A 26 11.22 -25.35 -17.31
C LEU A 26 12.55 -24.66 -17.60
N ALA A 27 13.07 -23.90 -16.64
CA ALA A 27 14.32 -23.20 -16.89
C ALA A 27 14.89 -22.61 -15.61
N LEU A 28 16.19 -22.38 -15.60
CA LEU A 28 16.85 -21.78 -14.44
C LEU A 28 17.64 -20.57 -14.88
N GLY A 29 18.11 -19.77 -13.92
CA GLY A 29 18.88 -18.59 -14.26
C GLY A 29 18.08 -17.31 -14.32
N GLY A 30 18.62 -16.31 -15.05
CA GLY A 30 17.96 -15.03 -15.19
C GLY A 30 18.08 -14.15 -13.95
N ASP A 31 16.99 -13.46 -13.62
CA ASP A 31 16.94 -12.60 -12.44
C ASP A 31 15.47 -12.45 -12.04
N LEU A 32 15.20 -11.67 -11.01
CA LEU A 32 13.84 -11.47 -10.54
C LEU A 32 13.37 -10.04 -10.72
N SER A 33 13.79 -9.43 -11.83
CA SER A 33 13.41 -8.06 -12.14
C SER A 33 11.97 -8.00 -12.61
N PRO A 34 11.30 -6.85 -12.40
CA PRO A 34 9.90 -6.63 -12.81
C PRO A 34 9.65 -7.22 -14.19
N ALA A 35 10.34 -6.65 -15.18
CA ALA A 35 10.25 -7.07 -16.56
C ALA A 35 10.16 -8.59 -16.68
N ARG A 36 11.12 -9.29 -16.08
CA ARG A 36 11.14 -10.75 -16.13
C ARG A 36 9.94 -11.37 -15.43
N LEU A 37 9.79 -11.10 -14.13
CA LEU A 37 8.67 -11.64 -13.39
C LEU A 37 7.36 -11.45 -14.13
N LEU A 38 7.07 -10.22 -14.55
CA LEU A 38 5.85 -9.92 -15.29
C LEU A 38 5.73 -10.79 -16.53
N MET A 39 6.85 -10.95 -17.25
CA MET A 39 6.85 -11.76 -18.45
C MET A 39 6.48 -13.20 -18.12
N ALA A 40 7.00 -13.70 -17.01
CA ALA A 40 6.72 -15.06 -16.59
C ALA A 40 5.23 -15.26 -16.36
N TYR A 41 4.65 -14.42 -15.50
CA TYR A 41 3.23 -14.52 -15.22
C TYR A 41 2.44 -14.36 -16.49
N GLN A 42 2.91 -13.47 -17.35
CA GLN A 42 2.27 -13.20 -18.64
C GLN A 42 2.12 -14.49 -19.47
N ARG A 43 3.15 -15.33 -19.40
CA ARG A 43 3.20 -16.57 -20.17
C ARG A 43 2.94 -17.86 -19.38
N GLY A 44 2.49 -17.73 -18.14
CA GLY A 44 2.17 -18.91 -17.35
C GLY A 44 3.30 -19.63 -16.68
N ILE A 45 4.34 -18.89 -16.30
CA ILE A 45 5.53 -19.43 -15.64
C ILE A 45 5.68 -18.71 -14.31
N PHE A 46 6.33 -19.35 -13.35
CA PHE A 46 6.60 -18.71 -12.07
C PHE A 46 7.89 -19.24 -11.48
N PRO A 47 8.62 -18.37 -10.76
CA PRO A 47 9.88 -18.77 -10.14
C PRO A 47 9.62 -19.46 -8.80
N TRP A 48 10.52 -20.37 -8.43
CA TRP A 48 10.45 -21.10 -7.16
C TRP A 48 11.73 -21.89 -6.99
N PHE A 49 12.41 -21.70 -5.86
CA PHE A 49 13.65 -22.42 -5.61
C PHE A 49 14.03 -22.20 -4.16
N SER A 50 14.74 -23.16 -3.58
CA SER A 50 15.15 -23.05 -2.19
C SER A 50 16.43 -22.24 -2.05
N PRO A 51 16.61 -21.55 -0.91
CA PRO A 51 17.80 -20.74 -0.68
C PRO A 51 19.06 -21.55 -0.99
N GLY A 52 19.96 -20.94 -1.74
CA GLY A 52 21.18 -21.61 -2.13
C GLY A 52 21.20 -21.92 -3.61
N ASP A 53 20.07 -22.39 -4.14
CA ASP A 53 19.97 -22.75 -5.55
C ASP A 53 19.82 -21.56 -6.48
N PRO A 54 19.97 -21.81 -7.79
CA PRO A 54 19.83 -20.75 -8.78
C PRO A 54 18.33 -20.58 -8.99
N ILE A 55 17.93 -19.49 -9.64
CA ILE A 55 16.53 -19.23 -9.89
C ILE A 55 15.92 -20.32 -10.77
N LEU A 56 14.83 -20.89 -10.32
CA LEU A 56 14.15 -21.93 -11.07
C LEU A 56 12.77 -21.43 -11.48
N TRP A 57 12.43 -21.67 -12.75
CA TRP A 57 11.15 -21.24 -13.28
C TRP A 57 10.28 -22.43 -13.56
N TRP A 58 8.98 -22.26 -13.34
CA TRP A 58 8.05 -23.36 -13.52
C TRP A 58 6.76 -23.05 -14.27
N SER A 59 6.13 -24.13 -14.71
CA SER A 59 4.87 -24.09 -15.43
C SER A 59 4.46 -25.55 -15.47
N PRO A 60 3.91 -26.04 -14.34
CA PRO A 60 3.46 -27.41 -14.21
C PRO A 60 2.23 -27.76 -15.05
N ASP A 61 2.03 -29.08 -15.21
CA ASP A 61 0.92 -29.65 -15.95
C ASP A 61 0.54 -30.95 -15.23
N PRO A 62 -0.67 -30.98 -14.65
CA PRO A 62 -1.66 -29.91 -14.63
C PRO A 62 -1.26 -28.69 -13.80
N ARG A 63 -2.19 -27.74 -13.73
CA ARG A 63 -2.02 -26.50 -12.98
C ARG A 63 -3.18 -26.49 -11.99
N ALA A 64 -2.93 -26.05 -10.75
CA ALA A 64 -4.01 -26.01 -9.77
C ALA A 64 -4.72 -24.67 -9.93
N VAL A 65 -6.03 -24.70 -9.85
CA VAL A 65 -6.77 -23.47 -10.04
C VAL A 65 -7.99 -23.40 -9.12
N LEU A 66 -8.44 -22.18 -8.84
CA LEU A 66 -9.61 -22.00 -7.98
C LEU A 66 -10.69 -21.10 -8.59
N TRP A 67 -11.81 -21.69 -8.96
CA TRP A 67 -12.91 -20.92 -9.51
C TRP A 67 -13.49 -20.14 -8.35
N PRO A 68 -13.28 -18.83 -8.35
CA PRO A 68 -13.77 -17.93 -7.30
C PRO A 68 -15.09 -18.38 -6.69
N GLU A 69 -15.99 -18.86 -7.55
CA GLU A 69 -17.33 -19.31 -7.16
C GLU A 69 -17.39 -20.66 -6.44
N SER A 70 -16.55 -21.59 -6.85
CA SER A 70 -16.53 -22.92 -6.27
C SER A 70 -15.76 -22.99 -4.97
N LEU A 71 -15.54 -21.84 -4.33
CA LEU A 71 -14.81 -21.81 -3.05
C LEU A 71 -15.61 -22.59 -2.00
N HIS A 72 -15.04 -23.65 -1.45
CA HIS A 72 -15.78 -24.41 -0.45
C HIS A 72 -15.60 -23.89 0.95
N ILE A 73 -16.72 -23.56 1.60
CA ILE A 73 -16.71 -23.02 2.95
C ILE A 73 -17.61 -23.83 3.88
N SER A 74 -16.99 -24.51 4.84
CA SER A 74 -17.74 -25.33 5.80
C SER A 74 -18.83 -24.50 6.48
N ARG A 75 -19.79 -25.19 7.11
CA ARG A 75 -20.88 -24.53 7.81
C ARG A 75 -20.41 -23.86 9.09
N SER A 76 -19.40 -24.46 9.74
CA SER A 76 -18.88 -23.88 10.97
C SER A 76 -18.16 -22.58 10.61
N MET A 77 -17.53 -22.56 9.42
CA MET A 77 -16.82 -21.38 8.97
C MET A 77 -17.76 -20.21 8.70
N LYS A 78 -18.97 -20.51 8.19
CA LYS A 78 -19.95 -19.44 7.92
C LYS A 78 -20.43 -18.95 9.26
N ARG A 79 -20.72 -19.91 10.12
CA ARG A 79 -21.19 -19.66 11.48
C ARG A 79 -20.20 -18.69 12.12
N PHE A 80 -18.92 -18.96 11.85
CA PHE A 80 -17.83 -18.16 12.36
C PHE A 80 -17.69 -16.79 11.69
N HIS A 81 -17.89 -16.75 10.38
CA HIS A 81 -17.74 -15.49 9.66
C HIS A 81 -18.87 -14.50 9.88
N LYS A 82 -20.04 -15.02 10.24
CA LYS A 82 -21.20 -14.16 10.46
C LYS A 82 -20.89 -13.26 11.65
N ARG A 83 -20.30 -13.84 12.69
CA ARG A 83 -19.90 -13.08 13.87
C ARG A 83 -18.38 -12.99 13.87
N SER A 84 -17.83 -12.67 12.71
CA SER A 84 -16.38 -12.58 12.51
C SER A 84 -15.65 -11.63 13.45
N PRO A 85 -14.49 -12.06 13.97
CA PRO A 85 -13.67 -11.26 14.88
C PRO A 85 -12.50 -10.61 14.13
N TYR A 86 -12.54 -10.71 12.82
CA TYR A 86 -11.48 -10.17 11.97
C TYR A 86 -11.91 -9.02 11.09
N ARG A 87 -10.90 -8.30 10.64
CA ARG A 87 -11.08 -7.16 9.77
C ARG A 87 -10.17 -7.40 8.55
N VAL A 88 -10.75 -7.39 7.36
CA VAL A 88 -9.98 -7.60 6.13
C VAL A 88 -9.76 -6.31 5.35
N THR A 89 -8.55 -6.12 4.84
CA THR A 89 -8.20 -4.93 4.08
C THR A 89 -7.36 -5.35 2.88
N MET A 90 -7.31 -4.49 1.88
CA MET A 90 -6.54 -4.76 0.68
C MET A 90 -5.36 -3.80 0.56
N ASN A 91 -4.22 -4.36 0.19
CA ASN A 91 -2.98 -3.60 0.02
C ASN A 91 -2.66 -2.56 1.08
N TYR A 92 -2.91 -2.90 2.34
CA TYR A 92 -2.63 -2.00 3.44
C TYR A 92 -1.19 -2.24 3.84
N ALA A 93 -0.82 -3.50 3.99
CA ALA A 93 0.53 -3.85 4.40
C ALA A 93 1.14 -5.02 3.64
N PHE A 94 1.29 -4.87 2.33
CA PHE A 94 1.88 -5.92 1.49
C PHE A 94 3.17 -6.48 2.11
N GLY A 95 4.05 -5.56 2.51
CA GLY A 95 5.32 -5.93 3.09
C GLY A 95 5.20 -6.95 4.19
N GLN A 96 4.29 -6.73 5.12
CA GLN A 96 4.11 -7.63 6.25
C GLN A 96 3.45 -8.96 5.93
N VAL A 97 2.55 -8.96 4.95
CA VAL A 97 1.89 -10.19 4.58
C VAL A 97 2.93 -11.12 4.02
N ILE A 98 3.74 -10.60 3.08
CA ILE A 98 4.79 -11.36 2.41
C ILE A 98 5.83 -11.89 3.41
N GLU A 99 6.12 -11.11 4.45
CA GLU A 99 7.09 -11.52 5.46
C GLU A 99 6.43 -12.59 6.31
N GLY A 100 5.12 -12.48 6.46
CA GLY A 100 4.37 -13.45 7.25
C GLY A 100 4.41 -14.82 6.60
N CYS A 101 4.19 -14.86 5.28
CA CYS A 101 4.22 -16.11 4.56
C CYS A 101 5.66 -16.58 4.58
N ALA A 102 6.57 -15.66 4.31
CA ALA A 102 7.99 -15.93 4.27
C ALA A 102 8.56 -16.51 5.54
N SER A 103 7.76 -16.56 6.59
CA SER A 103 8.24 -17.08 7.85
C SER A 103 7.32 -18.12 8.44
N ASP A 104 6.55 -18.79 7.58
CA ASP A 104 5.66 -19.82 8.06
C ASP A 104 6.48 -21.08 8.29
N ARG A 105 7.79 -20.85 8.42
CA ARG A 105 8.80 -21.88 8.69
C ARG A 105 8.84 -23.13 7.80
N GLU A 106 7.70 -23.51 7.23
CA GLU A 106 7.68 -24.70 6.38
C GLU A 106 7.80 -24.45 4.88
N GLU A 107 6.75 -23.88 4.29
CA GLU A 107 6.73 -23.62 2.85
C GLU A 107 7.42 -22.34 2.41
N GLY A 108 7.16 -21.25 3.14
CA GLY A 108 7.75 -19.97 2.79
C GLY A 108 9.25 -19.85 2.95
N THR A 109 9.92 -20.97 3.10
CA THR A 109 11.36 -20.91 3.27
C THR A 109 12.06 -20.49 1.97
N TRP A 110 11.36 -20.60 0.85
CA TRP A 110 11.94 -20.21 -0.44
C TRP A 110 11.90 -18.70 -0.58
N ILE A 111 11.06 -18.06 0.23
CA ILE A 111 10.92 -16.62 0.20
C ILE A 111 12.08 -15.99 0.94
N THR A 112 13.09 -15.59 0.18
CA THR A 112 14.27 -14.99 0.78
C THR A 112 14.23 -13.48 0.63
N ARG A 113 15.19 -12.82 1.26
CA ARG A 113 15.30 -11.38 1.19
C ARG A 113 15.17 -11.00 -0.28
N GLY A 114 15.87 -11.74 -1.14
CA GLY A 114 15.81 -11.46 -2.55
C GLY A 114 14.39 -11.49 -3.07
N VAL A 115 13.73 -12.65 -2.95
CA VAL A 115 12.35 -12.82 -3.42
C VAL A 115 11.42 -11.72 -2.90
N VAL A 116 11.56 -11.39 -1.61
CA VAL A 116 10.74 -10.36 -0.99
C VAL A 116 10.90 -9.05 -1.74
N GLU A 117 12.15 -8.61 -1.94
CA GLU A 117 12.40 -7.36 -2.65
C GLU A 117 11.79 -7.39 -4.07
N ALA A 118 11.93 -8.55 -4.71
CA ALA A 118 11.44 -8.75 -6.06
C ALA A 118 9.93 -8.51 -6.16
N TYR A 119 9.16 -9.17 -5.29
CA TYR A 119 7.71 -9.01 -5.33
C TYR A 119 7.29 -7.66 -4.80
N HIS A 120 8.09 -7.10 -3.92
CA HIS A 120 7.79 -5.81 -3.37
C HIS A 120 7.90 -4.73 -4.48
N ARG A 121 8.74 -4.97 -5.47
CA ARG A 121 8.85 -4.03 -6.56
C ARG A 121 7.55 -4.09 -7.35
N LEU A 122 7.08 -5.31 -7.63
CA LEU A 122 5.84 -5.53 -8.37
C LEU A 122 4.65 -4.93 -7.63
N HIS A 123 4.75 -4.86 -6.31
CA HIS A 123 3.66 -4.28 -5.56
C HIS A 123 3.80 -2.77 -5.70
N GLU A 124 5.02 -2.31 -5.52
CA GLU A 124 5.34 -0.89 -5.64
C GLU A 124 4.92 -0.42 -7.04
N LEU A 125 5.09 -1.29 -8.02
CA LEU A 125 4.71 -0.99 -9.38
C LEU A 125 3.25 -1.30 -9.66
N GLY A 126 2.56 -1.84 -8.65
CA GLY A 126 1.14 -2.14 -8.80
C GLY A 126 0.65 -3.39 -9.51
N HIS A 127 1.42 -4.47 -9.50
CA HIS A 127 1.01 -5.71 -10.13
C HIS A 127 0.80 -6.78 -9.06
N ALA A 128 1.47 -6.62 -7.93
CA ALA A 128 1.37 -7.52 -6.80
C ALA A 128 0.50 -6.82 -5.76
N HIS A 129 -0.39 -7.58 -5.13
CA HIS A 129 -1.31 -7.03 -4.15
C HIS A 129 -1.41 -7.96 -2.94
N SER A 130 -2.01 -7.46 -1.87
CA SER A 130 -2.15 -8.31 -0.70
C SER A 130 -3.46 -8.09 0.06
N ILE A 131 -3.93 -9.15 0.71
CA ILE A 131 -5.17 -9.09 1.51
C ILE A 131 -4.81 -9.35 2.97
N GLU A 132 -4.94 -8.33 3.82
CA GLU A 132 -4.63 -8.46 5.25
C GLU A 132 -5.84 -8.83 6.09
N VAL A 133 -5.62 -9.66 7.10
CA VAL A 133 -6.67 -10.03 8.03
C VAL A 133 -6.22 -9.55 9.40
N TRP A 134 -7.00 -8.67 10.02
CA TRP A 134 -6.62 -8.15 11.34
C TRP A 134 -7.52 -8.59 12.47
N ARG A 135 -6.89 -8.82 13.62
CA ARG A 135 -7.61 -9.17 14.81
C ARG A 135 -7.32 -7.99 15.69
N GLU A 136 -8.30 -7.09 15.80
CA GLU A 136 -8.14 -5.86 16.57
C GLU A 136 -7.00 -5.13 15.85
N ASP A 137 -5.93 -4.84 16.59
CA ASP A 137 -4.77 -4.13 16.05
C ASP A 137 -3.65 -4.99 15.49
N GLU A 138 -3.72 -6.32 15.64
CA GLU A 138 -2.65 -7.17 15.12
C GLU A 138 -2.95 -7.90 13.84
N LEU A 139 -1.90 -8.09 13.07
CA LEU A 139 -1.99 -8.79 11.80
C LEU A 139 -1.97 -10.29 12.11
N VAL A 140 -3.07 -10.97 11.80
CA VAL A 140 -3.13 -12.39 12.10
C VAL A 140 -3.25 -13.28 10.89
N GLY A 141 -2.97 -12.72 9.71
CA GLY A 141 -3.05 -13.52 8.50
C GLY A 141 -3.15 -12.67 7.26
N GLY A 142 -3.20 -13.34 6.11
CA GLY A 142 -3.30 -12.64 4.84
C GLY A 142 -2.90 -13.47 3.65
N MET A 143 -2.77 -12.79 2.51
CA MET A 143 -2.38 -13.46 1.27
C MET A 143 -1.99 -12.43 0.21
N TYR A 144 -1.04 -12.81 -0.65
CA TYR A 144 -0.63 -11.91 -1.70
C TYR A 144 -0.49 -12.67 -3.02
N GLY A 145 -0.37 -11.93 -4.12
CA GLY A 145 -0.23 -12.58 -5.40
C GLY A 145 -0.04 -11.59 -6.53
N VAL A 146 -0.04 -12.08 -7.76
CA VAL A 146 0.12 -11.19 -8.90
C VAL A 146 -1.14 -11.13 -9.75
N ALA A 147 -1.60 -9.90 -9.98
CA ALA A 147 -2.80 -9.64 -10.75
C ALA A 147 -2.51 -9.71 -12.22
N GLN A 148 -3.27 -10.55 -12.90
CA GLN A 148 -3.10 -10.77 -14.32
C GLN A 148 -4.43 -10.55 -15.01
N GLY A 149 -4.96 -9.34 -14.92
CA GLY A 149 -6.23 -9.06 -15.55
C GLY A 149 -7.37 -9.47 -14.66
N THR A 150 -8.22 -10.38 -15.15
CA THR A 150 -9.36 -10.86 -14.39
C THR A 150 -8.94 -12.15 -13.75
N LEU A 151 -7.68 -12.52 -13.98
CA LEU A 151 -7.14 -13.72 -13.38
C LEU A 151 -6.25 -13.22 -12.23
N PHE A 152 -6.10 -14.04 -11.20
CA PHE A 152 -5.25 -13.67 -10.08
C PHE A 152 -4.36 -14.86 -9.72
N CYS A 153 -3.06 -14.61 -9.66
CA CYS A 153 -2.12 -15.68 -9.33
C CYS A 153 -1.73 -15.61 -7.87
N GLY A 154 -2.22 -16.58 -7.11
CA GLY A 154 -1.95 -16.66 -5.70
C GLY A 154 -0.53 -17.13 -5.47
N GLU A 155 0.18 -16.40 -4.61
CA GLU A 155 1.55 -16.74 -4.32
C GLU A 155 1.66 -17.46 -2.99
N SER A 156 0.96 -16.95 -1.98
CA SER A 156 0.99 -17.56 -0.65
C SER A 156 0.02 -17.01 0.42
N MET A 157 -0.23 -17.84 1.43
CA MET A 157 -1.10 -17.49 2.57
C MET A 157 -0.32 -17.75 3.85
N PHE A 158 -0.81 -17.21 4.95
CA PHE A 158 -0.18 -17.41 6.24
C PHE A 158 -1.24 -17.11 7.29
N SER A 159 -1.23 -17.87 8.36
CA SER A 159 -2.23 -17.68 9.40
C SER A 159 -1.63 -17.74 10.79
N ARG A 160 -2.08 -16.85 11.65
CA ARG A 160 -1.57 -16.83 13.01
C ARG A 160 -2.73 -17.06 13.98
N MET A 161 -3.96 -16.99 13.48
CA MET A 161 -5.14 -17.21 14.31
C MET A 161 -6.17 -18.02 13.54
N GLU A 162 -6.89 -18.87 14.26
CA GLU A 162 -7.90 -19.73 13.66
C GLU A 162 -8.73 -19.04 12.58
N ASN A 163 -8.81 -19.67 11.42
CA ASN A 163 -9.60 -19.17 10.31
C ASN A 163 -9.20 -17.84 9.69
N ALA A 164 -8.04 -17.29 10.06
CA ALA A 164 -7.62 -16.03 9.49
C ALA A 164 -7.43 -16.17 8.00
N SER A 165 -6.60 -17.14 7.61
CA SER A 165 -6.33 -17.40 6.21
C SER A 165 -7.64 -17.56 5.40
N LYS A 166 -8.54 -18.43 5.87
CA LYS A 166 -9.82 -18.64 5.19
C LYS A 166 -10.64 -17.36 5.06
N THR A 167 -10.57 -16.49 6.05
CA THR A 167 -11.34 -15.27 5.98
C THR A 167 -10.80 -14.47 4.78
N ALA A 168 -9.48 -14.34 4.72
CA ALA A 168 -8.80 -13.60 3.66
C ALA A 168 -9.28 -14.04 2.28
N LEU A 169 -9.24 -15.34 2.05
CA LEU A 169 -9.67 -15.88 0.78
C LEU A 169 -11.17 -15.66 0.59
N LEU A 170 -11.94 -15.98 1.61
CA LEU A 170 -13.38 -15.80 1.57
C LEU A 170 -13.71 -14.38 1.12
N VAL A 171 -13.35 -13.42 1.96
CA VAL A 171 -13.59 -12.02 1.65
C VAL A 171 -13.07 -11.68 0.27
N PHE A 172 -11.85 -12.13 -0.07
CA PHE A 172 -11.31 -11.83 -1.39
C PHE A 172 -12.26 -12.30 -2.49
N CYS A 173 -12.46 -13.61 -2.57
CA CYS A 173 -13.34 -14.17 -3.58
C CYS A 173 -14.65 -13.37 -3.79
N GLU A 174 -15.32 -13.02 -2.70
CA GLU A 174 -16.55 -12.26 -2.82
C GLU A 174 -16.29 -10.98 -3.58
N GLU A 175 -15.36 -10.19 -3.08
CA GLU A 175 -14.98 -8.94 -3.72
C GLU A 175 -14.57 -9.21 -5.17
N PHE A 176 -13.57 -10.08 -5.32
CA PHE A 176 -13.05 -10.46 -6.63
C PHE A 176 -14.17 -10.73 -7.62
N ILE A 177 -15.07 -11.65 -7.26
CA ILE A 177 -16.21 -12.01 -8.08
C ILE A 177 -17.06 -10.78 -8.37
N GLY A 178 -17.40 -10.08 -7.30
CA GLY A 178 -18.23 -8.89 -7.40
C GLY A 178 -17.92 -7.98 -8.56
N HIS A 179 -16.64 -7.83 -8.91
CA HIS A 179 -16.25 -6.93 -10.00
C HIS A 179 -15.68 -7.56 -11.24
N GLY A 180 -15.99 -8.83 -11.49
CA GLY A 180 -15.48 -9.47 -12.69
C GLY A 180 -14.34 -10.46 -12.54
N GLY A 181 -13.98 -10.80 -11.31
CA GLY A 181 -12.90 -11.77 -11.10
C GLY A 181 -13.25 -13.07 -11.79
N LYS A 182 -12.29 -13.67 -12.48
CA LYS A 182 -12.60 -14.91 -13.20
C LYS A 182 -11.95 -16.19 -12.69
N LEU A 183 -10.70 -16.10 -12.27
CA LEU A 183 -9.99 -17.29 -11.83
C LEU A 183 -8.90 -16.93 -10.83
N ILE A 184 -8.46 -17.94 -10.08
CA ILE A 184 -7.39 -17.76 -9.13
C ILE A 184 -6.38 -18.85 -9.37
N ASP A 185 -5.16 -18.45 -9.75
CA ASP A 185 -4.08 -19.39 -10.00
C ASP A 185 -3.61 -19.93 -8.65
N CYS A 186 -3.45 -21.25 -8.57
CA CYS A 186 -2.98 -21.89 -7.34
C CYS A 186 -1.66 -22.62 -7.56
N GLN A 187 -1.09 -22.45 -8.74
CA GLN A 187 0.20 -23.07 -9.09
C GLN A 187 0.15 -24.58 -8.91
N VAL A 188 0.36 -25.05 -7.69
CA VAL A 188 0.29 -26.48 -7.43
C VAL A 188 -0.77 -26.77 -6.38
N LEU A 189 -1.48 -27.88 -6.54
CA LEU A 189 -2.54 -28.28 -5.63
C LEU A 189 -1.96 -28.98 -4.40
N ASN A 190 -2.59 -28.75 -3.24
CA ASN A 190 -2.19 -29.37 -1.97
C ASN A 190 -3.43 -29.63 -1.09
N ASP A 191 -3.24 -30.23 0.08
CA ASP A 191 -4.37 -30.54 0.95
C ASP A 191 -5.24 -29.36 1.34
N HIS A 192 -4.63 -28.30 1.87
CA HIS A 192 -5.37 -27.11 2.28
C HIS A 192 -6.12 -26.51 1.10
N THR A 193 -5.36 -26.19 0.07
CA THR A 193 -5.92 -25.60 -1.13
C THR A 193 -7.04 -26.45 -1.73
N ALA A 194 -6.85 -27.77 -1.75
CA ALA A 194 -7.86 -28.68 -2.30
C ALA A 194 -9.12 -28.73 -1.44
N SER A 195 -8.95 -28.60 -0.12
CA SER A 195 -10.08 -28.64 0.81
C SER A 195 -10.92 -27.39 0.60
N LEU A 196 -10.30 -26.38 0.01
CA LEU A 196 -10.98 -25.12 -0.24
C LEU A 196 -11.72 -25.14 -1.56
N GLY A 197 -11.55 -26.23 -2.31
CA GLY A 197 -12.24 -26.35 -3.58
C GLY A 197 -11.40 -26.08 -4.82
N ALA A 198 -10.07 -26.07 -4.67
CA ALA A 198 -9.21 -25.85 -5.83
C ALA A 198 -9.14 -27.16 -6.59
N CYS A 199 -8.99 -27.09 -7.91
CA CYS A 199 -8.93 -28.29 -8.71
C CYS A 199 -7.73 -28.22 -9.65
N GLU A 200 -7.76 -29.05 -10.69
CA GLU A 200 -6.66 -29.06 -11.64
C GLU A 200 -7.17 -29.18 -13.07
N ILE A 201 -6.77 -28.24 -13.91
CA ILE A 201 -7.13 -28.28 -15.30
C ILE A 201 -5.80 -28.45 -16.03
N PRO A 202 -5.81 -28.92 -17.29
CA PRO A 202 -4.55 -29.10 -18.00
C PRO A 202 -3.80 -27.79 -18.25
N ARG A 203 -2.47 -27.89 -18.25
CA ARG A 203 -1.59 -26.74 -18.48
C ARG A 203 -2.04 -25.93 -19.69
N ARG A 204 -2.40 -26.62 -20.77
CA ARG A 204 -2.84 -25.93 -21.97
C ARG A 204 -4.18 -25.25 -21.76
N ASP A 205 -5.02 -25.82 -20.90
CA ASP A 205 -6.31 -25.19 -20.64
C ASP A 205 -6.09 -23.91 -19.84
N TYR A 206 -5.23 -24.00 -18.82
CA TYR A 206 -4.90 -22.86 -17.96
C TYR A 206 -4.25 -21.76 -18.80
N LEU A 207 -3.35 -22.15 -19.70
CA LEU A 207 -2.69 -21.17 -20.54
C LEU A 207 -3.70 -20.38 -21.37
N ASN A 208 -4.74 -21.04 -21.88
CA ASN A 208 -5.76 -20.35 -22.64
C ASN A 208 -6.39 -19.31 -21.74
N TYR A 209 -6.91 -19.76 -20.61
CA TYR A 209 -7.53 -18.89 -19.64
C TYR A 209 -6.66 -17.68 -19.41
N LEU A 210 -5.36 -17.92 -19.30
CA LEU A 210 -4.37 -16.86 -19.09
C LEU A 210 -4.49 -15.75 -20.13
N ASN A 211 -4.48 -16.12 -21.40
CA ASN A 211 -4.59 -15.15 -22.48
C ASN A 211 -5.89 -14.37 -22.50
N GLN A 212 -6.99 -15.07 -22.28
CA GLN A 212 -8.31 -14.46 -22.27
C GLN A 212 -8.44 -13.43 -21.13
N MET A 213 -8.03 -13.84 -19.95
CA MET A 213 -8.15 -13.02 -18.75
C MET A 213 -7.11 -11.92 -18.59
N ARG A 214 -5.95 -12.10 -19.23
CA ARG A 214 -4.87 -11.11 -19.18
C ARG A 214 -5.40 -9.76 -19.63
N LEU A 215 -6.14 -9.80 -20.74
CA LEU A 215 -6.74 -8.61 -21.35
C LEU A 215 -7.98 -8.20 -20.57
N GLY A 216 -8.68 -9.20 -20.01
CA GLY A 216 -9.87 -8.92 -19.23
C GLY A 216 -9.50 -7.89 -18.18
N ARG A 217 -10.44 -7.02 -17.81
CA ARG A 217 -10.14 -5.99 -16.82
C ARG A 217 -11.12 -5.86 -15.67
N LEU A 218 -10.67 -5.19 -14.62
CA LEU A 218 -11.47 -4.97 -13.43
C LEU A 218 -11.63 -3.47 -13.21
N PRO A 219 -12.58 -3.07 -12.35
CA PRO A 219 -12.74 -1.63 -12.14
C PRO A 219 -11.37 -0.99 -11.92
N ASN A 220 -11.17 0.16 -12.56
CA ASN A 220 -9.90 0.86 -12.48
C ASN A 220 -9.34 1.09 -11.09
N ASN A 221 -10.19 1.10 -10.08
CA ASN A 221 -9.72 1.35 -8.72
C ASN A 221 -9.87 0.14 -7.81
N PHE A 222 -9.91 -1.05 -8.41
CA PHE A 222 -10.08 -2.27 -7.65
C PHE A 222 -9.02 -2.54 -6.58
N TRP A 223 -7.75 -2.26 -6.89
CA TRP A 223 -6.68 -2.52 -5.96
C TRP A 223 -6.24 -1.42 -5.02
N VAL A 224 -6.84 -0.25 -5.12
CA VAL A 224 -6.44 0.84 -4.22
C VAL A 224 -6.63 0.36 -2.79
N PRO A 225 -5.69 0.70 -1.89
CA PRO A 225 -5.77 0.30 -0.48
C PRO A 225 -7.11 0.63 0.16
N ARG A 226 -7.72 -0.34 0.84
CA ARG A 226 -9.01 -0.12 1.49
C ARG A 226 -9.46 -1.28 2.35
N CYS A 227 -10.39 -1.01 3.24
CA CYS A 227 -10.93 -2.05 4.09
C CYS A 227 -11.92 -2.80 3.23
N LEU A 228 -12.03 -4.11 3.45
CA LEU A 228 -12.98 -4.93 2.70
C LEU A 228 -14.03 -5.52 3.60
N PHE A 229 -13.78 -5.51 4.90
CA PHE A 229 -14.73 -6.13 5.80
C PHE A 229 -14.51 -5.71 7.24
N SER A 230 -15.56 -5.23 7.89
CA SER A 230 -15.52 -4.81 9.30
C SER A 230 -16.20 -5.85 10.22
N PRO A 231 -15.58 -6.16 11.37
CA PRO A 231 -16.12 -7.13 12.31
C PRO A 231 -17.44 -6.69 12.99
N ARG B 1 -17.61 13.97 24.65
CA ARG B 1 -17.94 12.55 24.72
C ARG B 1 -16.67 11.76 24.49
N LEU B 2 -15.54 12.39 24.83
CA LEU B 2 -14.20 11.84 24.70
C LEU B 2 -14.11 10.35 24.95
N VAL B 3 -13.57 9.64 23.96
CA VAL B 3 -13.45 8.20 24.06
C VAL B 3 -12.01 7.76 24.35
N GLN B 4 -11.88 6.72 25.17
CA GLN B 4 -10.59 6.17 25.56
C GLN B 4 -10.27 4.89 24.80
N LEU B 5 -9.54 5.01 23.71
CA LEU B 5 -9.17 3.86 22.92
C LEU B 5 -8.48 2.83 23.81
N SER B 6 -8.53 1.56 23.41
CA SER B 6 -7.89 0.50 24.18
C SER B 6 -6.96 -0.33 23.31
N ARG B 7 -6.18 -1.21 23.94
CA ARG B 7 -5.27 -2.07 23.21
C ARG B 7 -6.14 -2.95 22.33
N HIS B 8 -7.31 -3.29 22.87
CA HIS B 8 -8.29 -4.13 22.19
C HIS B 8 -8.71 -3.62 20.84
N SER B 9 -9.90 -3.04 20.74
CA SER B 9 -10.39 -2.54 19.44
C SER B 9 -9.56 -1.42 18.81
N ILE B 10 -9.68 -1.30 17.50
CA ILE B 10 -8.95 -0.29 16.73
C ILE B 10 -9.94 0.68 16.08
N ALA B 11 -11.17 0.66 16.61
CA ALA B 11 -12.23 1.51 16.08
C ALA B 11 -12.32 2.87 16.77
N PHE B 12 -12.49 3.93 15.97
CA PHE B 12 -12.60 5.28 16.51
C PHE B 12 -14.06 5.74 16.54
N PRO B 13 -14.35 6.71 17.40
CA PRO B 13 -15.69 7.28 17.55
C PRO B 13 -15.96 8.08 16.28
N SER B 14 -17.14 8.69 16.17
CA SER B 14 -17.44 9.47 14.99
C SER B 14 -16.99 10.93 15.16
N PRO B 15 -16.35 11.50 14.12
CA PRO B 15 -15.86 12.88 14.10
C PRO B 15 -16.88 13.88 14.65
N GLU B 16 -18.15 13.61 14.36
CA GLU B 16 -19.25 14.45 14.81
C GLU B 16 -19.21 14.73 16.30
N GLY B 17 -18.75 13.74 17.07
CA GLY B 17 -18.67 13.89 18.51
C GLY B 17 -17.48 14.67 19.06
N ALA B 18 -16.54 15.04 18.19
CA ALA B 18 -15.37 15.81 18.60
C ALA B 18 -15.78 17.06 19.35
N LEU B 19 -14.95 17.50 20.29
CA LEU B 19 -15.22 18.68 21.10
C LEU B 19 -15.00 19.97 20.33
N ARG B 20 -15.71 21.02 20.71
CA ARG B 20 -15.57 22.31 20.06
C ARG B 20 -14.30 22.99 20.60
N GLU B 21 -13.97 22.69 21.86
CA GLU B 21 -12.80 23.26 22.52
C GLU B 21 -12.19 22.26 23.50
N PRO B 22 -10.91 21.90 23.30
CA PRO B 22 -10.09 22.35 22.18
C PRO B 22 -10.73 21.84 20.90
N ASN B 23 -10.55 22.56 19.81
CA ASN B 23 -11.18 22.20 18.56
C ASN B 23 -10.86 20.81 18.00
N GLY B 24 -11.87 19.93 17.99
CA GLY B 24 -11.69 18.61 17.42
C GLY B 24 -11.12 17.45 18.23
N LEU B 25 -10.70 17.69 19.47
CA LEU B 25 -10.15 16.60 20.28
C LEU B 25 -11.21 15.52 20.40
N LEU B 26 -10.90 14.34 19.89
CA LEU B 26 -11.84 13.23 19.85
C LEU B 26 -11.57 12.06 20.78
N ALA B 27 -10.33 11.57 20.81
CA ALA B 27 -10.03 10.43 21.66
C ALA B 27 -8.58 10.42 22.05
N LEU B 28 -8.28 9.69 23.12
CA LEU B 28 -6.90 9.58 23.59
C LEU B 28 -6.58 8.12 23.91
N GLY B 29 -5.29 7.81 23.97
CA GLY B 29 -4.88 6.45 24.26
C GLY B 29 -4.57 5.69 22.99
N GLY B 30 -4.60 4.36 23.06
CA GLY B 30 -4.31 3.54 21.90
C GLY B 30 -2.82 3.43 21.63
N ASP B 31 -2.50 3.12 20.37
CA ASP B 31 -1.12 2.99 19.95
C ASP B 31 -1.00 3.71 18.62
N LEU B 32 0.20 3.72 18.06
CA LEU B 32 0.40 4.37 16.76
C LEU B 32 0.66 3.29 15.71
N SER B 33 0.02 2.14 15.90
CA SER B 33 0.13 0.99 15.00
C SER B 33 -0.39 1.35 13.61
N PRO B 34 0.21 0.76 12.56
CA PRO B 34 -0.18 1.01 11.16
C PRO B 34 -1.68 0.94 10.94
N ALA B 35 -2.26 -0.17 11.39
CA ALA B 35 -3.70 -0.42 11.26
C ALA B 35 -4.52 0.69 11.94
N ARG B 36 -4.10 1.07 13.14
CA ARG B 36 -4.79 2.11 13.86
C ARG B 36 -4.72 3.44 13.11
N LEU B 37 -3.52 3.88 12.78
CA LEU B 37 -3.35 5.14 12.06
C LEU B 37 -4.07 5.10 10.75
N LEU B 38 -3.71 4.13 9.93
CA LEU B 38 -4.33 3.98 8.62
C LEU B 38 -5.85 3.98 8.74
N MET B 39 -6.36 3.48 9.85
CA MET B 39 -7.79 3.43 10.13
C MET B 39 -8.30 4.84 10.41
N ALA B 40 -7.49 5.61 11.12
CA ALA B 40 -7.82 6.98 11.50
C ALA B 40 -7.81 7.98 10.33
N TYR B 41 -6.78 7.92 9.50
CA TYR B 41 -6.70 8.84 8.36
C TYR B 41 -7.81 8.55 7.38
N GLN B 42 -8.29 7.31 7.44
CA GLN B 42 -9.38 6.86 6.59
C GLN B 42 -10.71 7.47 7.04
N ARG B 43 -10.78 7.87 8.30
CA ARG B 43 -12.01 8.43 8.85
C ARG B 43 -11.91 9.93 9.11
N GLY B 44 -10.81 10.54 8.69
CA GLY B 44 -10.63 11.97 8.88
C GLY B 44 -10.15 12.35 10.26
N ILE B 45 -9.46 11.42 10.90
CA ILE B 45 -8.92 11.62 12.24
C ILE B 45 -7.40 11.59 12.12
N PHE B 46 -6.71 12.27 13.03
CA PHE B 46 -5.25 12.29 13.03
C PHE B 46 -4.69 12.50 14.43
N PRO B 47 -3.56 11.84 14.75
CA PRO B 47 -2.91 11.93 16.05
C PRO B 47 -2.03 13.17 16.19
N TRP B 48 -2.10 13.81 17.36
CA TRP B 48 -1.28 14.97 17.66
C TRP B 48 -1.29 15.19 19.17
N PHE B 49 -0.11 15.30 19.77
CA PHE B 49 0.00 15.47 21.20
C PHE B 49 1.44 15.81 21.59
N SER B 50 1.61 16.56 22.68
CA SER B 50 2.93 16.95 23.13
C SER B 50 3.66 15.85 23.91
N PRO B 51 4.99 15.75 23.73
CA PRO B 51 5.78 14.73 24.41
C PRO B 51 5.42 14.64 25.88
N GLY B 52 5.18 13.41 26.36
CA GLY B 52 4.84 13.21 27.76
C GLY B 52 3.36 12.97 27.99
N ASP B 53 2.55 13.44 27.04
CA ASP B 53 1.09 13.32 27.06
C ASP B 53 0.65 12.06 26.33
N PRO B 54 -0.55 11.54 26.64
CA PRO B 54 -0.97 10.32 25.93
C PRO B 54 -1.30 10.68 24.49
N ILE B 55 -1.49 9.68 23.63
CA ILE B 55 -1.82 9.97 22.24
C ILE B 55 -3.18 10.66 22.18
N LEU B 56 -3.23 11.78 21.44
CA LEU B 56 -4.47 12.52 21.28
C LEU B 56 -4.92 12.49 19.81
N TRP B 57 -6.20 12.19 19.59
CA TRP B 57 -6.72 12.10 18.22
C TRP B 57 -7.69 13.23 17.91
N TRP B 58 -7.55 13.82 16.72
CA TRP B 58 -8.39 14.95 16.37
C TRP B 58 -9.07 14.86 15.03
N SER B 59 -10.10 15.67 14.89
CA SER B 59 -10.88 15.80 13.66
C SER B 59 -11.59 17.13 13.81
N PRO B 60 -10.82 18.23 13.81
CA PRO B 60 -11.27 19.62 13.96
C PRO B 60 -12.33 20.07 12.98
N ASP B 61 -13.04 21.12 13.37
CA ASP B 61 -14.11 21.69 12.58
C ASP B 61 -14.17 23.18 12.88
N PRO B 62 -13.95 24.03 11.86
CA PRO B 62 -13.66 23.68 10.47
C PRO B 62 -12.33 22.94 10.26
N ARG B 63 -12.05 22.59 9.02
CA ARG B 63 -10.84 21.87 8.68
C ARG B 63 -10.08 22.67 7.64
N ALA B 64 -8.81 22.98 7.92
CA ALA B 64 -7.95 23.72 6.99
C ALA B 64 -7.57 22.79 5.85
N VAL B 65 -7.52 23.31 4.63
CA VAL B 65 -7.19 22.47 3.50
C VAL B 65 -6.60 23.30 2.35
N LEU B 66 -5.94 22.63 1.40
CA LEU B 66 -5.34 23.36 0.30
C LEU B 66 -5.67 22.82 -1.08
N TRP B 67 -6.37 23.63 -1.87
CA TRP B 67 -6.69 23.22 -3.21
C TRP B 67 -5.41 23.37 -4.03
N PRO B 68 -4.89 22.24 -4.54
CA PRO B 68 -3.67 22.21 -5.33
C PRO B 68 -3.56 23.42 -6.26
N GLU B 69 -4.62 23.64 -7.02
CA GLU B 69 -4.71 24.75 -7.98
C GLU B 69 -4.43 26.09 -7.31
N SER B 70 -5.10 26.30 -6.19
CA SER B 70 -5.03 27.53 -5.44
C SER B 70 -3.71 27.85 -4.74
N LEU B 71 -2.71 27.00 -4.84
CA LEU B 71 -1.47 27.32 -4.15
C LEU B 71 -1.07 28.71 -4.62
N HIS B 72 -0.76 29.58 -3.68
CA HIS B 72 -0.36 30.94 -4.03
C HIS B 72 1.15 31.13 -4.03
N ILE B 73 1.70 31.43 -5.20
CA ILE B 73 3.14 31.66 -5.35
C ILE B 73 3.41 33.10 -5.77
N SER B 74 4.17 33.81 -4.94
CA SER B 74 4.52 35.19 -5.18
C SER B 74 5.28 35.35 -6.49
N ARG B 75 5.42 36.59 -6.93
CA ARG B 75 6.15 36.91 -8.16
C ARG B 75 7.64 36.67 -7.96
N SER B 76 8.13 36.98 -6.76
CA SER B 76 9.53 36.80 -6.44
C SER B 76 9.94 35.33 -6.44
N MET B 77 9.11 34.48 -5.84
CA MET B 77 9.37 33.04 -5.77
C MET B 77 9.46 32.45 -7.17
N LYS B 78 8.50 32.81 -8.03
CA LYS B 78 8.49 32.33 -9.39
C LYS B 78 9.79 32.69 -10.08
N ARG B 79 10.27 33.92 -9.87
CA ARG B 79 11.53 34.35 -10.46
C ARG B 79 12.61 33.41 -9.93
N PHE B 80 12.64 33.27 -8.61
CA PHE B 80 13.58 32.40 -7.92
C PHE B 80 13.53 31.00 -8.53
N HIS B 81 12.33 30.44 -8.63
CA HIS B 81 12.14 29.09 -9.16
C HIS B 81 12.43 28.90 -10.65
N LYS B 82 12.39 29.98 -11.41
CA LYS B 82 12.66 29.91 -12.84
C LYS B 82 14.11 29.46 -12.94
N ARG B 83 14.92 29.96 -12.01
CA ARG B 83 16.32 29.63 -11.94
C ARG B 83 16.58 29.01 -10.56
N SER B 84 15.78 27.98 -10.24
CA SER B 84 15.89 27.29 -8.95
C SER B 84 17.23 26.62 -8.73
N PRO B 85 17.84 26.86 -7.56
CA PRO B 85 19.13 26.30 -7.19
C PRO B 85 18.96 24.93 -6.55
N TYR B 86 17.74 24.40 -6.57
CA TYR B 86 17.45 23.10 -5.95
C TYR B 86 17.03 21.99 -6.91
N ARG B 87 17.00 20.80 -6.35
CA ARG B 87 16.56 19.58 -7.02
C ARG B 87 15.49 19.05 -6.08
N VAL B 88 14.49 18.38 -6.63
CA VAL B 88 13.42 17.82 -5.80
C VAL B 88 13.17 16.34 -6.08
N THR B 89 13.24 15.52 -5.05
CA THR B 89 13.00 14.09 -5.21
C THR B 89 11.77 13.65 -4.44
N MET B 90 11.34 12.43 -4.72
CA MET B 90 10.18 11.85 -4.06
C MET B 90 10.57 10.57 -3.34
N ASN B 91 10.12 10.43 -2.10
CA ASN B 91 10.40 9.24 -1.29
C ASN B 91 11.82 8.72 -1.38
N TYR B 92 12.78 9.63 -1.55
CA TYR B 92 14.19 9.28 -1.63
C TYR B 92 14.81 9.13 -0.25
N ALA B 93 14.29 9.89 0.72
CA ALA B 93 14.80 9.88 2.11
C ALA B 93 13.75 10.31 3.14
N PHE B 94 12.71 9.50 3.29
CA PHE B 94 11.63 9.79 4.23
C PHE B 94 12.18 10.07 5.64
N GLY B 95 13.03 9.17 6.12
CA GLY B 95 13.60 9.31 7.44
C GLY B 95 14.28 10.63 7.69
N GLN B 96 15.06 11.10 6.72
CA GLN B 96 15.74 12.39 6.89
C GLN B 96 14.76 13.55 6.97
N VAL B 97 13.75 13.54 6.10
CA VAL B 97 12.76 14.61 6.07
C VAL B 97 11.95 14.71 7.36
N ILE B 98 11.41 13.59 7.83
CA ILE B 98 10.63 13.62 9.07
C ILE B 98 11.56 14.02 10.24
N GLU B 99 12.84 13.75 10.08
CA GLU B 99 13.82 14.09 11.11
C GLU B 99 14.04 15.59 11.13
N GLY B 100 14.20 16.18 9.96
CA GLY B 100 14.39 17.61 9.88
C GLY B 100 13.18 18.35 10.40
N CYS B 101 12.02 17.72 10.26
CA CYS B 101 10.77 18.32 10.73
C CYS B 101 10.74 18.35 12.26
N ALA B 102 11.24 17.29 12.89
CA ALA B 102 11.28 17.21 14.34
C ALA B 102 12.36 18.16 14.83
N SER B 103 13.39 18.32 14.01
CA SER B 103 14.51 19.20 14.33
C SER B 103 13.97 20.54 14.73
N ASP B 104 13.41 21.27 13.78
CA ASP B 104 12.82 22.58 14.06
C ASP B 104 12.17 22.54 15.46
N ARG B 105 12.81 23.17 16.44
CA ARG B 105 12.29 23.17 17.81
C ARG B 105 11.03 24.03 17.98
N GLU B 106 9.98 23.67 17.25
CA GLU B 106 8.74 24.43 17.32
C GLU B 106 7.50 23.57 17.03
N GLU B 107 7.14 23.54 15.75
CA GLU B 107 6.00 22.77 15.26
C GLU B 107 6.31 21.28 15.33
N GLY B 108 7.59 20.94 15.15
CA GLY B 108 8.03 19.56 15.17
C GLY B 108 8.41 19.00 16.52
N THR B 109 8.06 19.72 17.57
CA THR B 109 8.37 19.27 18.91
C THR B 109 7.54 18.02 19.21
N TRP B 110 6.36 17.92 18.61
CA TRP B 110 5.50 16.75 18.84
C TRP B 110 6.05 15.50 18.15
N ILE B 111 6.86 15.69 17.10
CA ILE B 111 7.43 14.53 16.41
C ILE B 111 8.45 13.89 17.34
N THR B 112 8.01 12.90 18.12
CA THR B 112 8.92 12.22 19.01
C THR B 112 9.42 10.94 18.35
N ARG B 113 10.44 10.32 18.92
CA ARG B 113 11.01 9.11 18.37
C ARG B 113 9.92 8.12 17.98
N GLY B 114 8.95 7.93 18.88
CA GLY B 114 7.85 7.02 18.60
C GLY B 114 7.03 7.48 17.41
N VAL B 115 6.78 8.78 17.34
CA VAL B 115 6.02 9.34 16.23
C VAL B 115 6.80 9.07 14.96
N VAL B 116 8.12 9.28 15.02
CA VAL B 116 8.95 9.05 13.86
C VAL B 116 8.86 7.61 13.36
N GLU B 117 8.85 6.66 14.28
CA GLU B 117 8.78 5.25 13.88
C GLU B 117 7.43 4.89 13.28
N ALA B 118 6.36 5.34 13.93
CA ALA B 118 5.02 5.04 13.44
C ALA B 118 4.86 5.49 11.99
N TYR B 119 5.35 6.69 11.68
CA TYR B 119 5.23 7.18 10.31
C TYR B 119 6.22 6.56 9.35
N HIS B 120 7.43 6.28 9.83
CA HIS B 120 8.43 5.67 8.96
C HIS B 120 7.80 4.35 8.53
N ARG B 121 7.13 3.71 9.48
CA ARG B 121 6.47 2.43 9.25
C ARG B 121 5.46 2.54 8.09
N LEU B 122 4.69 3.62 8.08
CA LEU B 122 3.71 3.82 7.02
C LEU B 122 4.42 4.03 5.70
N HIS B 123 5.48 4.83 5.74
CA HIS B 123 6.21 5.07 4.53
C HIS B 123 6.69 3.74 3.99
N GLU B 124 7.15 2.89 4.90
CA GLU B 124 7.64 1.59 4.49
C GLU B 124 6.55 0.69 3.96
N LEU B 125 5.30 0.94 4.35
CA LEU B 125 4.21 0.11 3.86
C LEU B 125 3.56 0.76 2.65
N GLY B 126 4.07 1.92 2.23
CA GLY B 126 3.56 2.61 1.06
C GLY B 126 2.49 3.69 1.21
N HIS B 127 2.30 4.22 2.42
CA HIS B 127 1.28 5.25 2.62
C HIS B 127 1.79 6.62 2.99
N ALA B 128 2.85 6.71 3.78
CA ALA B 128 3.39 8.00 4.13
C ALA B 128 4.52 8.28 3.14
N HIS B 129 4.48 9.44 2.50
CA HIS B 129 5.49 9.76 1.51
C HIS B 129 6.17 11.07 1.83
N SER B 130 7.29 11.32 1.17
CA SER B 130 8.05 12.54 1.41
C SER B 130 8.61 13.15 0.14
N ILE B 131 8.71 14.48 0.15
CA ILE B 131 9.28 15.23 -0.96
C ILE B 131 10.55 15.87 -0.42
N GLU B 132 11.67 15.59 -1.05
CA GLU B 132 12.95 16.13 -0.60
C GLU B 132 13.49 17.25 -1.48
N VAL B 133 14.09 18.26 -0.84
CA VAL B 133 14.67 19.40 -1.55
C VAL B 133 16.19 19.44 -1.35
N TRP B 134 16.91 19.31 -2.45
CA TRP B 134 18.36 19.28 -2.39
C TRP B 134 19.06 20.51 -2.91
N ARG B 135 20.22 20.78 -2.31
CA ARG B 135 21.08 21.87 -2.72
C ARG B 135 22.43 21.17 -2.69
N GLU B 136 22.87 20.78 -3.88
CA GLU B 136 24.11 20.03 -4.06
C GLU B 136 23.72 18.62 -3.68
N ASP B 137 24.41 18.05 -2.70
CA ASP B 137 24.11 16.70 -2.24
C ASP B 137 23.45 16.78 -0.88
N GLU B 138 23.31 18.02 -0.40
CA GLU B 138 22.73 18.29 0.90
C GLU B 138 21.20 18.46 0.89
N LEU B 139 20.53 17.85 1.87
CA LEU B 139 19.07 17.95 1.98
C LEU B 139 18.81 19.24 2.75
N VAL B 140 18.21 20.22 2.09
CA VAL B 140 17.95 21.50 2.74
C VAL B 140 16.49 21.69 3.18
N GLY B 141 15.62 20.77 2.77
CA GLY B 141 14.24 20.89 3.16
C GLY B 141 13.35 19.87 2.48
N GLY B 142 12.09 19.83 2.91
CA GLY B 142 11.14 18.90 2.33
C GLY B 142 9.84 18.84 3.11
N MET B 143 9.02 17.84 2.81
CA MET B 143 7.75 17.68 3.50
C MET B 143 7.26 16.26 3.32
N TYR B 144 6.44 15.82 4.26
CA TYR B 144 5.93 14.46 4.20
C TYR B 144 4.47 14.45 4.62
N GLY B 145 3.78 13.35 4.31
CA GLY B 145 2.38 13.26 4.67
C GLY B 145 1.85 11.90 4.33
N VAL B 146 0.55 11.71 4.52
CA VAL B 146 -0.08 10.44 4.25
C VAL B 146 -1.07 10.54 3.11
N ALA B 147 -0.83 9.77 2.06
CA ALA B 147 -1.68 9.76 0.88
C ALA B 147 -2.97 9.04 1.17
N GLN B 148 -4.06 9.58 0.66
CA GLN B 148 -5.38 9.03 0.88
C GLN B 148 -6.11 9.07 -0.46
N GLY B 149 -5.62 8.33 -1.43
CA GLY B 149 -6.27 8.36 -2.72
C GLY B 149 -5.78 9.63 -3.39
N THR B 150 -6.70 10.42 -3.93
CA THR B 150 -6.34 11.65 -4.61
C THR B 150 -6.22 12.82 -3.62
N LEU B 151 -6.38 12.50 -2.35
CA LEU B 151 -6.25 13.47 -1.28
C LEU B 151 -4.89 13.22 -0.62
N PHE B 152 -4.20 14.27 -0.21
CA PHE B 152 -2.91 14.10 0.45
C PHE B 152 -3.00 14.80 1.81
N CYS B 153 -2.70 14.07 2.87
CA CYS B 153 -2.77 14.64 4.21
C CYS B 153 -1.41 15.12 4.65
N GLY B 154 -1.18 16.43 4.54
CA GLY B 154 0.10 16.99 4.94
C GLY B 154 0.40 16.81 6.41
N GLU B 155 1.61 16.35 6.72
CA GLU B 155 1.99 16.13 8.09
C GLU B 155 2.88 17.22 8.65
N SER B 156 3.81 17.70 7.83
CA SER B 156 4.74 18.74 8.26
C SER B 156 5.75 19.07 7.17
N MET B 157 6.47 20.16 7.36
CA MET B 157 7.51 20.56 6.42
C MET B 157 8.60 21.30 7.18
N PHE B 158 9.80 21.32 6.62
CA PHE B 158 10.91 22.00 7.28
C PHE B 158 11.80 22.66 6.24
N SER B 159 12.61 23.61 6.68
CA SER B 159 13.48 24.29 5.75
C SER B 159 14.73 24.78 6.44
N ARG B 160 15.88 24.44 5.90
CA ARG B 160 17.14 24.91 6.45
C ARG B 160 17.80 25.90 5.49
N MET B 161 17.09 26.24 4.41
CA MET B 161 17.57 27.18 3.42
C MET B 161 16.45 27.89 2.68
N GLU B 162 16.53 29.22 2.65
CA GLU B 162 15.53 30.09 2.01
C GLU B 162 14.78 29.50 0.83
N ASN B 163 13.45 29.44 0.94
CA ASN B 163 12.58 28.92 -0.12
C ASN B 163 12.61 27.42 -0.43
N ALA B 164 13.33 26.64 0.37
CA ALA B 164 13.41 25.19 0.16
C ALA B 164 12.02 24.61 0.34
N SER B 165 11.42 24.96 1.47
CA SER B 165 10.08 24.53 1.83
C SER B 165 9.04 24.82 0.72
N LYS B 166 9.07 26.03 0.15
CA LYS B 166 8.13 26.39 -0.91
C LYS B 166 8.40 25.62 -2.20
N THR B 167 9.68 25.36 -2.47
CA THR B 167 10.04 24.63 -3.67
C THR B 167 9.34 23.28 -3.61
N ALA B 168 9.56 22.56 -2.52
CA ALA B 168 8.95 21.24 -2.31
C ALA B 168 7.42 21.29 -2.50
N LEU B 169 6.79 22.22 -1.81
CA LEU B 169 5.35 22.35 -1.90
C LEU B 169 4.94 22.76 -3.31
N LEU B 170 5.68 23.70 -3.89
CA LEU B 170 5.40 24.18 -5.23
C LEU B 170 5.39 23.00 -6.19
N VAL B 171 6.56 22.39 -6.37
CA VAL B 171 6.72 21.25 -7.28
C VAL B 171 5.82 20.08 -6.98
N PHE B 172 5.57 19.82 -5.71
CA PHE B 172 4.69 18.72 -5.36
C PHE B 172 3.37 18.97 -6.07
N CYS B 173 2.75 20.09 -5.71
CA CYS B 173 1.48 20.51 -6.30
C CYS B 173 1.40 20.34 -7.82
N GLU B 174 2.48 20.68 -8.51
CA GLU B 174 2.48 20.55 -9.96
C GLU B 174 2.35 19.10 -10.37
N GLU B 175 3.19 18.25 -9.80
CA GLU B 175 3.13 16.82 -10.10
C GLU B 175 1.76 16.27 -9.69
N PHE B 176 1.35 16.65 -8.48
CA PHE B 176 0.08 16.22 -7.93
C PHE B 176 -1.07 16.51 -8.90
N ILE B 177 -1.22 17.79 -9.28
CA ILE B 177 -2.28 18.22 -10.18
C ILE B 177 -2.23 17.54 -11.54
N GLY B 178 -1.04 17.46 -12.10
CA GLY B 178 -0.89 16.85 -13.40
C GLY B 178 -1.26 15.39 -13.45
N HIS B 179 -1.42 14.76 -12.28
CA HIS B 179 -1.75 13.34 -12.25
C HIS B 179 -3.04 12.94 -11.55
N GLY B 180 -3.86 13.92 -11.17
CA GLY B 180 -5.10 13.57 -10.53
C GLY B 180 -5.28 14.05 -9.11
N GLY B 181 -4.19 14.50 -8.48
CA GLY B 181 -4.28 14.98 -7.11
C GLY B 181 -5.42 15.97 -6.94
N LYS B 182 -6.34 15.67 -6.02
CA LYS B 182 -7.48 16.53 -5.80
C LYS B 182 -7.39 17.48 -4.61
N LEU B 183 -6.83 17.01 -3.51
CA LEU B 183 -6.75 17.84 -2.32
C LEU B 183 -5.51 17.62 -1.45
N ILE B 184 -5.29 18.58 -0.54
CA ILE B 184 -4.20 18.55 0.42
C ILE B 184 -4.81 18.96 1.74
N ASP B 185 -4.84 18.05 2.71
CA ASP B 185 -5.40 18.37 4.01
C ASP B 185 -4.31 19.06 4.85
N CYS B 186 -4.61 20.26 5.34
CA CYS B 186 -3.65 20.99 6.15
C CYS B 186 -4.07 20.93 7.63
N GLN B 187 -5.13 20.17 7.89
CA GLN B 187 -5.66 19.96 9.23
C GLN B 187 -6.08 21.27 9.88
N VAL B 188 -5.13 21.99 10.46
CA VAL B 188 -5.45 23.26 11.09
C VAL B 188 -4.78 24.42 10.38
N LEU B 189 -5.55 25.49 10.16
CA LEU B 189 -5.05 26.67 9.47
C LEU B 189 -4.10 27.47 10.34
N ASN B 190 -3.05 28.01 9.72
CA ASN B 190 -2.07 28.84 10.42
C ASN B 190 -1.55 29.87 9.42
N ASP B 191 -0.80 30.86 9.90
CA ASP B 191 -0.29 31.91 9.02
C ASP B 191 0.47 31.42 7.77
N HIS B 192 1.32 30.41 7.97
CA HIS B 192 2.11 29.84 6.89
C HIS B 192 1.17 29.22 5.85
N THR B 193 0.34 28.28 6.29
CA THR B 193 -0.61 27.62 5.41
C THR B 193 -1.54 28.63 4.76
N ALA B 194 -1.95 29.63 5.55
CA ALA B 194 -2.85 30.67 5.05
C ALA B 194 -2.17 31.46 3.93
N SER B 195 -0.92 31.86 4.17
CA SER B 195 -0.17 32.62 3.18
C SER B 195 0.08 31.79 1.94
N LEU B 196 -0.34 30.54 1.95
CA LEU B 196 -0.14 29.67 0.82
C LEU B 196 -1.41 29.31 0.05
N GLY B 197 -2.56 29.63 0.63
CA GLY B 197 -3.80 29.31 -0.05
C GLY B 197 -4.62 28.29 0.69
N ALA B 198 -4.14 27.89 1.86
CA ALA B 198 -4.88 26.93 2.64
C ALA B 198 -6.13 27.71 3.03
N CYS B 199 -7.29 27.05 2.99
CA CYS B 199 -8.53 27.71 3.35
C CYS B 199 -9.37 26.72 4.14
N GLU B 200 -10.21 27.22 5.03
CA GLU B 200 -11.05 26.36 5.85
C GLU B 200 -12.31 25.94 5.14
N ILE B 201 -12.84 24.79 5.55
CA ILE B 201 -14.08 24.24 5.02
C ILE B 201 -14.66 23.41 6.15
N PRO B 202 -15.99 23.29 6.21
CA PRO B 202 -16.63 22.51 7.25
C PRO B 202 -16.22 21.04 7.31
N ARG B 203 -15.97 20.56 8.52
CA ARG B 203 -15.60 19.17 8.72
C ARG B 203 -16.52 18.27 7.91
N ARG B 204 -17.82 18.54 7.97
CA ARG B 204 -18.84 17.77 7.26
C ARG B 204 -18.46 17.60 5.80
N ASP B 205 -17.88 18.65 5.21
CA ASP B 205 -17.49 18.61 3.81
C ASP B 205 -16.15 17.92 3.59
N TYR B 206 -15.22 18.11 4.52
CA TYR B 206 -13.93 17.48 4.39
C TYR B 206 -14.13 15.96 4.42
N LEU B 207 -15.06 15.50 5.24
CA LEU B 207 -15.32 14.06 5.33
C LEU B 207 -15.94 13.53 4.04
N ASN B 208 -16.74 14.37 3.38
CA ASN B 208 -17.35 13.99 2.12
C ASN B 208 -16.22 13.85 1.12
N TYR B 209 -15.44 14.92 1.02
CA TYR B 209 -14.29 14.96 0.12
C TYR B 209 -13.40 13.73 0.34
N LEU B 210 -13.09 13.48 1.61
CA LEU B 210 -12.24 12.36 1.98
C LEU B 210 -12.79 11.04 1.44
N ASN B 211 -14.03 10.73 1.83
CA ASN B 211 -14.68 9.49 1.41
C ASN B 211 -14.61 9.26 -0.09
N GLN B 212 -14.76 10.34 -0.86
CA GLN B 212 -14.73 10.23 -2.31
C GLN B 212 -13.30 10.02 -2.82
N MET B 213 -12.40 10.92 -2.47
CA MET B 213 -11.00 10.87 -2.90
C MET B 213 -10.13 9.71 -2.42
N ARG B 214 -10.46 9.11 -1.29
CA ARG B 214 -9.63 8.01 -0.79
C ARG B 214 -9.72 6.76 -1.67
N LEU B 215 -10.69 6.72 -2.56
CA LEU B 215 -10.87 5.56 -3.45
C LEU B 215 -10.40 5.87 -4.87
N GLY B 216 -9.96 7.09 -5.08
CA GLY B 216 -9.46 7.49 -6.39
C GLY B 216 -8.03 7.00 -6.52
N ARG B 217 -7.37 7.29 -7.65
CA ARG B 217 -6.01 6.82 -7.80
C ARG B 217 -5.16 7.62 -8.79
N LEU B 218 -3.84 7.52 -8.60
CA LEU B 218 -2.84 8.19 -9.43
C LEU B 218 -2.02 7.08 -10.09
N PRO B 219 -1.21 7.40 -11.12
CA PRO B 219 -0.41 6.37 -11.78
C PRO B 219 0.27 5.46 -10.74
N ASN B 220 0.38 4.17 -11.04
CA ASN B 220 1.01 3.22 -10.12
C ASN B 220 2.35 3.70 -9.64
N ASN B 221 3.16 4.14 -10.60
CA ASN B 221 4.49 4.64 -10.32
C ASN B 221 4.48 6.00 -9.64
N PHE B 222 3.33 6.65 -9.56
CA PHE B 222 3.30 7.97 -8.95
C PHE B 222 4.10 8.11 -7.64
N TRP B 223 3.98 7.16 -6.72
CA TRP B 223 4.70 7.25 -5.45
C TRP B 223 6.02 6.49 -5.41
N VAL B 224 6.46 6.03 -6.56
CA VAL B 224 7.72 5.31 -6.69
C VAL B 224 8.85 6.33 -6.58
N PRO B 225 9.80 6.09 -5.66
CA PRO B 225 10.94 7.00 -5.48
C PRO B 225 11.49 7.50 -6.81
N ARG B 226 11.71 8.81 -6.90
CA ARG B 226 12.23 9.39 -8.14
C ARG B 226 12.55 10.87 -8.04
N CYS B 227 13.04 11.42 -9.14
CA CYS B 227 13.38 12.83 -9.23
C CYS B 227 12.15 13.55 -9.83
N LEU B 228 11.69 14.59 -9.14
CA LEU B 228 10.54 15.36 -9.58
C LEU B 228 10.92 16.66 -10.30
N PHE B 229 12.02 17.25 -9.87
CA PHE B 229 12.47 18.50 -10.47
C PHE B 229 13.98 18.63 -10.45
N SER B 230 14.54 19.02 -11.59
CA SER B 230 15.97 19.19 -11.73
C SER B 230 16.25 20.11 -12.92
N PRO B 231 16.91 21.25 -12.67
CA PRO B 231 17.26 22.24 -13.71
C PRO B 231 17.43 21.64 -15.11
O5' XYA C . -2.24 -23.65 1.19
C5' XYA C . -0.87 -24.05 1.19
C4' XYA C . 0.02 -22.86 0.92
O4' XYA C . 1.42 -23.25 1.09
C1' XYA C . 2.24 -22.49 0.21
N9 XYA C . 2.96 -23.40 -0.69
C8 XYA C . 3.45 -24.65 -0.40
N7 XYA C . 4.08 -25.22 -1.40
C5 XYA C . 4.00 -24.28 -2.42
C6 XYA C . 4.49 -24.28 -3.75
N1 XYA C . 4.23 -23.20 -4.51
C2 XYA C . 3.54 -22.18 -3.97
N3 XYA C . 3.04 -22.06 -2.73
C4 XYA C . 3.31 -23.16 -1.99
N6 XYA C . 5.19 -25.29 -4.28
C2' XYA C . 1.32 -21.53 -0.53
O2' XYA C . 1.24 -20.32 0.20
C3' XYA C . 0.00 -22.30 -0.50
O3' XYA C . -1.09 -21.47 -0.74
N PHE D . 0.27 -21.63 -3.69
CA PHE D . -0.61 -20.73 -2.98
C PHE D . -1.53 -21.45 -2.00
O PHE D . -2.60 -21.92 -2.38
CB PHE D . -1.47 -19.94 -3.97
CG PHE D . -2.49 -19.08 -3.30
CD1 PHE D . -2.10 -17.97 -2.55
CD2 PHE D . -3.84 -19.37 -3.41
CE1 PHE D . -3.04 -17.18 -1.91
CE2 PHE D . -4.78 -18.58 -2.77
CZ PHE D . -4.39 -17.48 -2.02
O1 TAR E . -7.30 -19.82 8.53
O11 TAR E . -7.19 -21.50 7.09
C1 TAR E . -6.86 -20.91 8.25
C2 TAR E . -5.92 -21.62 9.19
O2 TAR E . -5.73 -20.80 10.34
C3 TAR E . -6.49 -22.97 9.62
O3 TAR E . -7.72 -22.74 10.32
C4 TAR E . -5.50 -23.67 10.53
O4 TAR E . -5.80 -23.95 11.67
O41 TAR E . -4.28 -23.99 10.09
O5' XYA F . 4.35 24.30 8.60
C5' XYA F . 4.48 23.81 9.94
C4' XYA F . 3.96 22.39 10.01
O4' XYA F . 4.21 21.84 11.34
C1' XYA F . 3.26 20.81 11.60
N9 XYA F . 2.52 21.13 12.82
C8 XYA F . 2.68 22.14 13.73
N7 XYA F . 1.77 22.15 14.68
C5 XYA F . 0.96 21.07 14.39
C6 XYA F . -0.20 20.54 15.01
N1 XYA F . -0.76 19.44 14.45
C2 XYA F . -0.20 18.91 13.35
N3 XYA F . 0.88 19.32 12.67
C4 XYA F . 1.42 20.42 13.26
N6 XYA F . -0.76 21.07 16.10
C2' XYA F . 2.27 20.81 10.44
O2' XYA F . 2.63 19.83 9.49
C3' XYA F . 2.46 22.22 9.89
O3' XYA F . 1.98 22.27 8.58
N PHE G . -0.85 20.43 9.43
CA PHE G . 0.18 20.69 8.42
C PHE G . 0.65 22.15 8.48
O PHE G . -0.16 23.08 8.57
CB PHE G . -0.38 20.38 7.03
CG PHE G . 0.65 20.39 5.95
CD1 PHE G . 1.86 19.71 6.11
CD2 PHE G . 0.41 21.04 4.74
CE1 PHE G . 2.80 19.69 5.09
CE2 PHE G . 1.34 21.01 3.72
CZ PHE G . 2.54 20.33 3.88
O1 TAR H . 10.99 27.79 2.25
O11 TAR H . 9.09 28.80 2.71
C1 TAR H . 10.34 28.45 3.02
C2 TAR H . 10.92 28.87 4.34
O2 TAR H . 12.26 28.36 4.43
C3 TAR H . 10.96 30.39 4.46
O3 TAR H . 11.80 30.90 3.42
C4 TAR H . 11.52 30.77 5.80
O4 TAR H . 12.55 31.41 5.87
O41 TAR H . 10.89 30.39 6.92
#